data_4RL3
#
_entry.id   4RL3
#
_cell.length_a   78.626
_cell.length_b   78.626
_cell.length_c   167.400
_cell.angle_alpha   90.00
_cell.angle_beta   90.00
_cell.angle_gamma   90.00
#
_symmetry.space_group_name_H-M   'I 41'
#
loop_
_entity.id
_entity.type
_entity.pdbx_description
1 polymer 'Chitinase A'
2 non-polymer 1,2-ETHANEDIOL
3 non-polymer 'ACETATE ION'
4 non-polymer 'MAGNESIUM ION'
5 water water
#
_entity_poly.entity_id   1
_entity_poly.type   'polypeptide(L)'
_entity_poly.pdbx_seq_one_letter_code
;MKVFREYIGALYNGVQFTDVPINSGVTFHFILAFAIDYTSAAAATNGVFNIYWQNSVLTPAAVQAIKAQHSNVKVMVSLG
GDTISGSPVQFTATSVSSWVANAVSSLTSLINQYHLDGIDIDYEHFDQVSTSTFVSCIGQLITQLKANNVISVASIAPFD
GVESQYTALFGQYSSVIDLVNFQFYSYGAGTSASQYVSLYNTAASKYGGGAKVLASFSTGGVGPAPSTVLSACQQLKSSG
TLPGIFIFSADGSYASSAKFQYEQQAQTLLTS
;
_entity_poly.pdbx_strand_id   A,B
#
loop_
_chem_comp.id
_chem_comp.type
_chem_comp.name
_chem_comp.formula
ACT non-polymer 'ACETATE ION' 'C2 H3 O2 -1'
EDO non-polymer 1,2-ETHANEDIOL 'C2 H6 O2'
MG non-polymer 'MAGNESIUM ION' 'Mg 2'
#
# COMPACT_ATOMS: atom_id res chain seq x y z
N LYS A 2 -5.94 21.79 18.17
CA LYS A 2 -5.50 21.81 16.75
C LYS A 2 -5.42 20.38 16.20
N VAL A 3 -6.51 19.63 16.35
CA VAL A 3 -6.56 18.25 15.83
C VAL A 3 -7.20 18.20 14.44
N PHE A 4 -6.53 17.55 13.51
CA PHE A 4 -7.13 17.28 12.21
C PHE A 4 -7.10 15.78 12.00
N ARG A 5 -8.23 15.20 11.60
CA ARG A 5 -8.31 13.75 11.35
C ARG A 5 -8.90 13.43 9.99
N GLU A 6 -8.40 12.35 9.39
CA GLU A 6 -8.76 11.93 8.03
C GLU A 6 -9.05 10.43 8.04
N TYR A 7 -10.32 10.07 7.81
CA TYR A 7 -10.65 8.66 7.57
C TYR A 7 -10.06 8.20 6.24
N ILE A 8 -9.59 6.95 6.19
CA ILE A 8 -8.99 6.41 4.98
C ILE A 8 -9.05 4.89 4.91
N GLY A 9 -9.35 4.37 3.72
CA GLY A 9 -9.09 2.97 3.38
C GLY A 9 -10.25 2.04 3.09
N ALA A 10 -11.49 2.50 3.28
CA ALA A 10 -12.63 1.60 3.23
C ALA A 10 -13.12 1.27 1.83
N LEU A 11 -12.80 2.12 0.85
CA LEU A 11 -13.34 1.89 -0.51
C LEU A 11 -12.48 0.97 -1.37
N TYR A 12 -11.27 0.65 -0.93
CA TYR A 12 -10.32 -0.12 -1.74
C TYR A 12 -10.13 0.54 -3.11
N ASN A 13 -9.86 1.85 -3.11
CA ASN A 13 -9.74 2.59 -4.37
C ASN A 13 -8.33 3.05 -4.67
N GLY A 14 -7.36 2.58 -3.87
CA GLY A 14 -5.97 2.86 -4.14
C GLY A 14 -5.40 4.07 -3.45
N VAL A 15 -6.22 4.81 -2.72
CA VAL A 15 -5.72 5.98 -2.02
C VAL A 15 -4.68 5.56 -0.98
N GLN A 16 -3.68 6.42 -0.80
CA GLN A 16 -2.58 6.17 0.13
C GLN A 16 -2.47 7.33 1.10
N PHE A 17 -1.84 7.07 2.25
CA PHE A 17 -1.56 8.12 3.23
C PHE A 17 -0.82 9.26 2.51
N THR A 18 0.09 8.87 1.61
CA THR A 18 0.94 9.84 0.92
C THR A 18 0.21 10.78 -0.06
N ASP A 19 -1.03 10.46 -0.41
CA ASP A 19 -1.88 11.33 -1.23
C ASP A 19 -2.48 12.49 -0.43
N VAL A 20 -2.52 12.36 0.89
CA VAL A 20 -3.22 13.32 1.74
C VAL A 20 -2.30 14.44 2.21
N PRO A 21 -2.70 15.70 2.00
CA PRO A 21 -1.89 16.83 2.46
C PRO A 21 -1.72 16.78 3.97
N ILE A 22 -0.48 16.90 4.44
CA ILE A 22 -0.15 16.89 5.87
C ILE A 22 0.55 18.21 6.23
N ASN A 23 -0.12 19.02 7.05
CA ASN A 23 0.44 20.26 7.57
C ASN A 23 1.19 19.94 8.85
N SER A 24 2.45 20.40 8.96
CA SER A 24 3.27 20.07 10.13
C SER A 24 2.80 20.68 11.46
N GLY A 25 1.91 21.66 11.36
CA GLY A 25 1.47 22.43 12.51
C GLY A 25 0.22 21.95 13.21
N VAL A 26 -0.40 20.88 12.70
CA VAL A 26 -1.57 20.29 13.35
C VAL A 26 -1.18 18.98 14.00
N THR A 27 -1.98 18.57 14.97
CA THR A 27 -1.97 17.19 15.46
C THR A 27 -2.76 16.39 14.43
N PHE A 28 -2.08 15.53 13.68
CA PHE A 28 -2.67 14.87 12.51
C PHE A 28 -2.96 13.41 12.78
N HIS A 29 -4.21 13.01 12.63
CA HIS A 29 -4.59 11.61 12.76
C HIS A 29 -5.16 11.05 11.47
N PHE A 30 -4.55 9.99 10.94
CA PHE A 30 -5.26 9.15 9.99
C PHE A 30 -6.12 8.17 10.78
N ILE A 31 -7.29 7.84 10.25
CA ILE A 31 -8.15 6.82 10.84
C ILE A 31 -8.49 5.76 9.79
N LEU A 32 -7.84 4.61 9.91
CA LEU A 32 -8.10 3.48 9.03
C LEU A 32 -9.53 3.02 9.19
N ALA A 33 -10.22 2.85 8.06
CA ALA A 33 -11.63 2.46 8.07
C ALA A 33 -11.76 1.20 7.20
N PHE A 34 -12.16 0.04 7.71
CA PHE A 34 -12.64 -0.24 9.07
C PHE A 34 -12.10 -1.59 9.54
N ALA A 35 -12.00 -1.76 10.86
CA ALA A 35 -11.89 -3.08 11.46
C ALA A 35 -13.31 -3.49 11.83
N ILE A 36 -13.69 -4.72 11.52
CA ILE A 36 -15.04 -5.19 11.79
C ILE A 36 -14.94 -6.59 12.36
N ASP A 37 -15.73 -6.85 13.39
CA ASP A 37 -15.80 -8.17 14.03
C ASP A 37 -16.83 -9.05 13.30
N TYR A 38 -16.58 -9.22 12.01
CA TYR A 38 -17.40 -10.03 11.12
C TYR A 38 -16.50 -10.75 10.14
N THR A 39 -16.99 -11.88 9.62
CA THR A 39 -16.31 -12.56 8.54
C THR A 39 -16.73 -11.93 7.22
N SER A 40 -16.02 -12.27 6.15
CA SER A 40 -16.33 -11.74 4.82
C SER A 40 -17.69 -12.23 4.32
N ALA A 41 -18.21 -13.31 4.90
CA ALA A 41 -19.59 -13.77 4.64
C ALA A 41 -20.64 -13.07 5.51
N ALA A 42 -20.23 -12.03 6.24
CA ALA A 42 -21.13 -11.23 7.09
C ALA A 42 -21.70 -12.01 8.27
N ALA A 43 -20.90 -12.92 8.81
CA ALA A 43 -21.19 -13.57 10.07
C ALA A 43 -20.41 -12.85 11.17
N ALA A 44 -21.09 -12.50 12.25
CA ALA A 44 -20.44 -11.87 13.41
C ALA A 44 -19.42 -12.84 14.05
N THR A 45 -18.32 -12.29 14.57
CA THR A 45 -17.27 -13.10 15.16
C THR A 45 -17.18 -12.96 16.68
N ASN A 46 -18.13 -12.25 17.29
CA ASN A 46 -18.12 -11.99 18.73
C ASN A 46 -16.87 -11.23 19.20
N GLY A 47 -16.59 -10.15 18.51
CA GLY A 47 -15.54 -9.24 18.90
C GLY A 47 -14.14 -9.59 18.41
N VAL A 48 -14.00 -10.60 17.56
CA VAL A 48 -12.68 -10.89 16.98
C VAL A 48 -12.57 -10.06 15.69
N PHE A 49 -11.80 -8.99 15.77
CA PHE A 49 -11.75 -8.01 14.68
C PHE A 49 -10.91 -8.42 13.49
N ASN A 50 -11.52 -8.27 12.31
CA ASN A 50 -10.88 -8.49 11.02
C ASN A 50 -10.68 -7.17 10.29
N ILE A 51 -9.79 -7.21 9.30
CA ILE A 51 -9.39 -6.02 8.56
C ILE A 51 -10.23 -5.82 7.31
N TYR A 52 -10.90 -4.67 7.25
CA TYR A 52 -11.69 -4.29 6.07
C TYR A 52 -11.32 -2.87 5.62
N TRP A 53 -10.04 -2.56 5.67
CA TRP A 53 -9.49 -1.50 4.82
C TRP A 53 -8.56 -2.15 3.81
N GLN A 54 -8.10 -1.34 2.86
CA GLN A 54 -7.23 -1.82 1.80
C GLN A 54 -5.80 -2.02 2.32
N ASN A 55 -5.63 -3.08 3.11
CA ASN A 55 -4.37 -3.29 3.83
C ASN A 55 -3.21 -3.81 2.97
N SER A 56 -3.50 -4.25 1.74
CA SER A 56 -2.43 -4.54 0.80
C SER A 56 -1.70 -3.27 0.35
N VAL A 57 -2.39 -2.12 0.49
CA VAL A 57 -1.83 -0.79 0.17
C VAL A 57 -1.44 -0.07 1.45
N LEU A 58 -2.38 0.00 2.39
CA LEU A 58 -2.17 0.63 3.69
C LEU A 58 -1.66 -0.44 4.65
N THR A 59 -0.41 -0.80 4.44
CA THR A 59 0.26 -1.90 5.13
C THR A 59 0.87 -1.41 6.43
N PRO A 60 1.33 -2.34 7.28
CA PRO A 60 2.09 -1.91 8.45
C PRO A 60 3.31 -1.05 8.07
N ALA A 61 4.02 -1.42 7.00
CA ALA A 61 5.17 -0.63 6.54
C ALA A 61 4.76 0.79 6.13
N ALA A 62 3.59 0.94 5.52
CA ALA A 62 3.05 2.25 5.15
C ALA A 62 2.74 3.11 6.38
N VAL A 63 2.18 2.50 7.42
CA VAL A 63 1.90 3.25 8.66
C VAL A 63 3.21 3.70 9.30
N GLN A 64 4.17 2.78 9.39
CA GLN A 64 5.45 3.08 10.03
C GLN A 64 6.14 4.20 9.29
N ALA A 65 6.10 4.14 7.96
CA ALA A 65 6.77 5.12 7.11
C ALA A 65 6.17 6.52 7.24
N ILE A 66 4.85 6.65 7.18
CA ILE A 66 4.25 7.98 7.27
C ILE A 66 4.53 8.59 8.65
N LYS A 67 4.48 7.76 9.69
CA LYS A 67 4.78 8.23 11.04
C LYS A 67 6.26 8.61 11.20
N ALA A 68 7.16 7.88 10.55
CA ALA A 68 8.59 8.21 10.62
C ALA A 68 8.89 9.52 9.92
N GLN A 69 8.15 9.81 8.85
CA GLN A 69 8.39 11.02 8.07
C GLN A 69 7.80 12.26 8.72
N HIS A 70 6.70 12.08 9.45
CA HIS A 70 5.92 13.19 10.02
C HIS A 70 5.64 12.95 11.48
N SER A 71 6.39 13.63 12.34
CA SER A 71 6.31 13.38 13.79
C SER A 71 4.99 13.80 14.41
N ASN A 72 4.21 14.60 13.69
CA ASN A 72 2.89 15.01 14.14
C ASN A 72 1.78 14.05 13.77
N VAL A 73 2.12 12.96 13.08
CA VAL A 73 1.11 11.99 12.60
C VAL A 73 0.96 10.78 13.52
N LYS A 74 -0.30 10.46 13.83
CA LYS A 74 -0.71 9.20 14.46
C LYS A 74 -1.69 8.51 13.52
N VAL A 75 -1.84 7.20 13.69
CA VAL A 75 -2.79 6.43 12.89
C VAL A 75 -3.66 5.59 13.82
N MET A 76 -4.98 5.75 13.68
CA MET A 76 -5.94 5.01 14.51
C MET A 76 -6.74 4.07 13.61
N VAL A 77 -7.61 3.25 14.19
CA VAL A 77 -8.49 2.40 13.40
C VAL A 77 -9.93 2.59 13.89
N SER A 78 -10.85 2.69 12.94
CA SER A 78 -12.27 2.82 13.21
C SER A 78 -12.97 1.46 13.15
N LEU A 79 -13.89 1.25 14.08
CA LEU A 79 -14.60 -0.01 14.24
C LEU A 79 -16.02 0.09 13.71
N GLY A 80 -16.40 -0.91 12.89
CA GLY A 80 -17.77 -1.07 12.46
C GLY A 80 -18.05 -0.53 11.08
N GLY A 81 -18.48 0.72 11.00
CA GLY A 81 -18.96 1.27 9.75
C GLY A 81 -20.37 0.78 9.42
N ASP A 82 -20.79 1.04 8.20
CA ASP A 82 -22.17 0.79 7.78
C ASP A 82 -22.38 -0.68 7.42
N THR A 83 -21.60 -1.20 6.47
CA THR A 83 -21.86 -2.51 5.90
C THR A 83 -20.63 -3.42 5.86
N ILE A 84 -20.93 -4.71 5.75
CA ILE A 84 -19.91 -5.75 5.58
C ILE A 84 -20.43 -6.61 4.44
N SER A 85 -19.69 -6.63 3.33
CA SER A 85 -20.13 -7.33 2.12
C SER A 85 -21.59 -7.02 1.81
N GLY A 86 -21.97 -5.76 1.94
CA GLY A 86 -23.33 -5.30 1.65
C GLY A 86 -24.39 -5.42 2.74
N SER A 87 -24.08 -6.18 3.80
CA SER A 87 -25.01 -6.39 4.91
C SER A 87 -24.71 -5.39 6.02
N PRO A 88 -25.74 -4.95 6.77
CA PRO A 88 -25.50 -4.02 7.88
C PRO A 88 -24.61 -4.62 8.98
N VAL A 89 -23.65 -3.84 9.43
CA VAL A 89 -22.80 -4.24 10.54
C VAL A 89 -23.60 -4.04 11.82
N GLN A 90 -24.35 -5.08 12.19
CA GLN A 90 -25.13 -5.09 13.43
C GLN A 90 -24.20 -5.35 14.59
N PHE A 91 -24.16 -4.45 15.57
CA PHE A 91 -23.40 -4.75 16.76
C PHE A 91 -24.02 -5.95 17.45
N THR A 92 -23.21 -6.96 17.76
CA THR A 92 -23.76 -8.16 18.41
C THR A 92 -22.69 -8.89 19.23
N ALA A 93 -23.13 -9.37 20.40
CA ALA A 93 -22.23 -10.01 21.35
C ALA A 93 -22.88 -11.28 21.87
N THR A 94 -22.10 -12.35 21.95
CA THR A 94 -22.56 -13.61 22.56
C THR A 94 -22.82 -13.39 24.04
N SER A 95 -21.86 -12.74 24.69
CA SER A 95 -21.97 -12.23 26.04
C SER A 95 -21.08 -11.01 26.11
N VAL A 96 -21.34 -10.14 27.07
CA VAL A 96 -20.52 -8.94 27.23
C VAL A 96 -19.08 -9.34 27.49
N SER A 97 -18.86 -10.26 28.43
CA SER A 97 -17.50 -10.60 28.82
C SER A 97 -16.71 -11.23 27.69
N SER A 98 -17.35 -12.08 26.89
CA SER A 98 -16.64 -12.76 25.81
C SER A 98 -16.35 -11.80 24.67
N TRP A 99 -17.29 -10.92 24.36
CA TRP A 99 -17.06 -9.91 23.32
C TRP A 99 -15.88 -9.01 23.72
N VAL A 100 -15.92 -8.51 24.97
CA VAL A 100 -14.88 -7.63 25.44
C VAL A 100 -13.51 -8.33 25.40
N ALA A 101 -13.43 -9.59 25.84
CA ALA A 101 -12.15 -10.27 25.86
C ALA A 101 -11.59 -10.43 24.45
N ASN A 102 -12.46 -10.76 23.50
CA ASN A 102 -12.05 -10.87 22.11
C ASN A 102 -11.68 -9.53 21.47
N ALA A 103 -12.42 -8.49 21.84
CA ALA A 103 -12.18 -7.17 21.25
C ALA A 103 -10.87 -6.58 21.76
N VAL A 104 -10.66 -6.62 23.06
CA VAL A 104 -9.43 -6.06 23.64
C VAL A 104 -8.21 -6.81 23.06
N SER A 105 -8.28 -8.13 23.03
CA SER A 105 -7.15 -8.94 22.57
C SER A 105 -6.91 -8.79 21.07
N SER A 106 -7.95 -8.96 20.26
CA SER A 106 -7.78 -8.84 18.81
C SER A 106 -7.37 -7.43 18.36
N LEU A 107 -7.91 -6.39 18.99
CA LEU A 107 -7.49 -5.03 18.63
C LEU A 107 -6.10 -4.71 19.16
N THR A 108 -5.71 -5.28 20.30
CA THR A 108 -4.35 -5.09 20.78
C THR A 108 -3.38 -5.69 19.77
N SER A 109 -3.68 -6.89 19.30
CA SER A 109 -2.82 -7.53 18.30
C SER A 109 -2.72 -6.68 17.03
N LEU A 110 -3.86 -6.16 16.59
CA LEU A 110 -3.90 -5.37 15.36
C LEU A 110 -3.15 -4.06 15.52
N ILE A 111 -3.34 -3.41 16.66
CA ILE A 111 -2.66 -2.14 16.96
C ILE A 111 -1.15 -2.34 17.00
N ASN A 112 -0.69 -3.42 17.62
CA ASN A 112 0.73 -3.72 17.64
C ASN A 112 1.27 -4.07 16.26
N GLN A 113 0.50 -4.78 15.46
CA GLN A 113 0.94 -5.17 14.12
C GLN A 113 1.08 -3.96 13.19
N TYR A 114 0.12 -3.06 13.25
CA TYR A 114 0.04 -1.91 12.35
C TYR A 114 0.61 -0.61 12.96
N HIS A 115 1.20 -0.68 14.15
CA HIS A 115 1.85 0.48 14.77
C HIS A 115 0.84 1.61 15.03
N LEU A 116 -0.34 1.23 15.50
CA LEU A 116 -1.42 2.19 15.65
C LEU A 116 -1.43 2.88 17.01
N ASP A 117 -2.24 3.91 17.13
CA ASP A 117 -2.25 4.81 18.28
C ASP A 117 -3.59 4.87 18.99
N GLY A 118 -4.63 4.25 18.44
CA GLY A 118 -5.95 4.41 19.00
C GLY A 118 -7.07 3.80 18.19
N ILE A 119 -8.27 3.89 18.75
CA ILE A 119 -9.47 3.36 18.11
C ILE A 119 -10.58 4.38 18.10
N ASP A 120 -11.44 4.26 17.11
CA ASP A 120 -12.60 5.10 16.91
C ASP A 120 -13.82 4.17 16.81
N ILE A 121 -14.88 4.51 17.54
CA ILE A 121 -16.09 3.68 17.57
C ILE A 121 -17.12 4.22 16.57
N ASP A 122 -17.44 3.42 15.55
CA ASP A 122 -18.29 3.87 14.45
C ASP A 122 -19.33 2.81 14.09
N TYR A 123 -19.88 2.15 15.11
CA TYR A 123 -21.07 1.32 14.89
C TYR A 123 -22.29 2.18 14.72
N GLU A 124 -23.22 1.74 13.87
CA GLU A 124 -24.47 2.49 13.70
C GLU A 124 -25.74 1.66 13.68
N HIS A 125 -25.62 0.34 13.71
CA HIS A 125 -26.78 -0.55 13.66
C HIS A 125 -26.87 -1.31 14.96
N PHE A 126 -28.02 -1.14 15.63
CA PHE A 126 -28.22 -1.66 16.97
C PHE A 126 -29.51 -2.44 17.11
N ASP A 127 -29.92 -3.08 16.02
CA ASP A 127 -31.18 -3.80 16.00
C ASP A 127 -31.11 -5.16 16.70
N GLN A 128 -29.91 -5.62 17.04
CA GLN A 128 -29.69 -6.95 17.64
C GLN A 128 -29.03 -6.87 19.02
N VAL A 129 -29.02 -5.69 19.62
CA VAL A 129 -28.38 -5.48 20.91
C VAL A 129 -29.06 -4.37 21.69
N SER A 130 -29.11 -4.51 23.00
CA SER A 130 -29.60 -3.42 23.86
C SER A 130 -28.54 -2.33 23.97
N THR A 131 -28.99 -1.13 24.27
CA THR A 131 -28.08 -0.03 24.44
C THR A 131 -27.13 -0.25 25.63
N SER A 132 -27.66 -0.80 26.72
N SER A 132 -27.64 -0.81 26.73
CA SER A 132 -26.81 -1.11 27.88
CA SER A 132 -26.79 -1.10 27.88
C SER A 132 -25.69 -2.09 27.52
C SER A 132 -25.69 -2.09 27.53
N THR A 133 -26.01 -3.10 26.71
CA THR A 133 -25.02 -4.08 26.29
C THR A 133 -23.95 -3.43 25.43
N PHE A 134 -24.37 -2.63 24.46
CA PHE A 134 -23.41 -1.90 23.62
C PHE A 134 -22.48 -1.01 24.45
N VAL A 135 -23.06 -0.23 25.34
CA VAL A 135 -22.27 0.71 26.13
C VAL A 135 -21.27 -0.03 27.01
N SER A 136 -21.71 -1.11 27.65
CA SER A 136 -20.81 -1.91 28.48
C SER A 136 -19.65 -2.48 27.67
N CYS A 137 -19.94 -3.03 26.51
CA CYS A 137 -18.89 -3.61 25.66
C CYS A 137 -17.85 -2.56 25.27
N ILE A 138 -18.31 -1.44 24.75
CA ILE A 138 -17.39 -0.42 24.23
C ILE A 138 -16.66 0.30 25.35
N GLY A 139 -17.39 0.64 26.42
CA GLY A 139 -16.76 1.32 27.54
C GLY A 139 -15.64 0.49 28.15
N GLN A 140 -15.90 -0.80 28.31
CA GLN A 140 -14.88 -1.72 28.84
C GLN A 140 -13.70 -1.86 27.87
N LEU A 141 -13.99 -1.97 26.58
CA LEU A 141 -12.95 -2.06 25.55
C LEU A 141 -12.01 -0.85 25.63
N ILE A 142 -12.59 0.34 25.64
CA ILE A 142 -11.77 1.55 25.68
C ILE A 142 -10.98 1.66 26.98
N THR A 143 -11.66 1.37 28.09
CA THR A 143 -11.06 1.48 29.42
C THR A 143 -9.88 0.53 29.54
N GLN A 144 -10.04 -0.70 29.06
CA GLN A 144 -8.95 -1.67 29.12
C GLN A 144 -7.79 -1.29 28.19
N LEU A 145 -8.07 -0.84 26.97
CA LEU A 145 -6.99 -0.46 26.07
C LEU A 145 -6.19 0.72 26.62
N LYS A 146 -6.86 1.65 27.31
CA LYS A 146 -6.18 2.76 27.97
C LYS A 146 -5.36 2.28 29.16
N ALA A 147 -5.95 1.45 30.02
CA ALA A 147 -5.27 0.99 31.23
C ALA A 147 -4.05 0.13 30.87
N ASN A 148 -4.19 -0.64 29.79
CA ASN A 148 -3.11 -1.52 29.32
C ASN A 148 -2.01 -0.75 28.57
N ASN A 149 -2.18 0.57 28.40
CA ASN A 149 -1.23 1.42 27.69
C ASN A 149 -1.08 1.06 26.20
N VAL A 150 -2.16 0.56 25.62
CA VAL A 150 -2.16 0.09 24.24
C VAL A 150 -2.49 1.24 23.26
N ILE A 151 -3.31 2.18 23.72
CA ILE A 151 -3.73 3.34 22.89
C ILE A 151 -3.55 4.63 23.66
N SER A 152 -3.30 5.71 22.92
CA SER A 152 -3.27 7.05 23.49
C SER A 152 -4.54 7.84 23.17
N VAL A 153 -5.32 7.44 22.16
CA VAL A 153 -6.51 8.21 21.73
C VAL A 153 -7.68 7.28 21.47
N ALA A 154 -8.82 7.56 22.12
CA ALA A 154 -10.08 6.89 21.83
C ALA A 154 -11.09 7.95 21.40
N SER A 155 -11.88 7.62 20.39
CA SER A 155 -12.93 8.49 19.89
C SER A 155 -14.19 7.73 19.56
N ILE A 156 -15.27 8.49 19.45
CA ILE A 156 -16.56 7.96 19.03
C ILE A 156 -17.01 8.79 17.83
N ALA A 157 -17.82 8.19 16.95
CA ALA A 157 -18.26 8.85 15.73
C ALA A 157 -19.79 8.91 15.59
N PRO A 158 -20.46 9.68 16.47
CA PRO A 158 -21.92 9.65 16.49
C PRO A 158 -22.56 10.57 15.46
N PHE A 159 -23.87 10.38 15.30
CA PHE A 159 -24.74 11.32 14.60
C PHE A 159 -26.10 11.21 15.27
N ASP A 160 -27.07 12.03 14.87
CA ASP A 160 -28.30 12.13 15.67
C ASP A 160 -29.08 10.83 15.76
N GLY A 161 -29.08 10.06 14.67
CA GLY A 161 -29.80 8.79 14.63
C GLY A 161 -29.34 7.74 15.63
N VAL A 162 -28.13 7.91 16.16
CA VAL A 162 -27.59 7.03 17.20
C VAL A 162 -27.29 7.77 18.51
N GLU A 163 -28.03 8.84 18.76
CA GLU A 163 -27.85 9.67 19.96
C GLU A 163 -28.03 8.90 21.26
N SER A 164 -29.04 8.04 21.32
CA SER A 164 -29.33 7.28 22.53
C SER A 164 -28.12 6.43 22.96
N GLN A 165 -27.51 5.76 21.99
CA GLN A 165 -26.37 4.89 22.26
C GLN A 165 -25.13 5.68 22.64
N TYR A 166 -24.78 6.67 21.82
CA TYR A 166 -23.50 7.34 22.03
C TYR A 166 -23.49 8.37 23.15
N THR A 167 -24.62 9.03 23.42
CA THR A 167 -24.65 9.92 24.59
C THR A 167 -24.55 9.12 25.90
N ALA A 168 -25.17 7.94 25.94
CA ALA A 168 -25.06 7.07 27.10
C ALA A 168 -23.60 6.66 27.29
N LEU A 169 -22.96 6.26 26.18
CA LEU A 169 -21.55 5.89 26.20
C LEU A 169 -20.67 7.04 26.66
N PHE A 170 -20.83 8.22 26.05
CA PHE A 170 -19.98 9.35 26.40
C PHE A 170 -20.17 9.83 27.83
N GLY A 171 -21.43 9.90 28.27
CA GLY A 171 -21.75 10.42 29.60
C GLY A 171 -21.17 9.55 30.71
N GLN A 172 -20.95 8.29 30.37
CA GLN A 172 -20.45 7.27 31.29
C GLN A 172 -18.91 7.12 31.26
N TYR A 173 -18.30 7.33 30.10
CA TYR A 173 -16.88 7.03 29.87
C TYR A 173 -16.11 8.24 29.35
N SER A 174 -16.58 9.45 29.66
CA SER A 174 -15.93 10.63 29.12
C SER A 174 -14.46 10.75 29.51
N SER A 175 -14.08 10.25 30.68
CA SER A 175 -12.69 10.34 31.10
C SER A 175 -11.73 9.56 30.21
N VAL A 176 -12.22 8.56 29.49
CA VAL A 176 -11.36 7.78 28.59
C VAL A 176 -11.67 7.98 27.12
N ILE A 177 -12.65 8.83 26.81
CA ILE A 177 -12.93 9.17 25.42
C ILE A 177 -12.40 10.57 25.14
N ASP A 178 -11.39 10.65 24.30
CA ASP A 178 -10.67 11.90 24.07
C ASP A 178 -11.35 12.81 23.08
N LEU A 179 -11.98 12.23 22.07
CA LEU A 179 -12.51 13.02 20.93
C LEU A 179 -13.84 12.48 20.47
N VAL A 180 -14.73 13.41 20.11
CA VAL A 180 -16.03 13.08 19.56
C VAL A 180 -16.04 13.51 18.10
N ASN A 181 -15.97 12.52 17.21
CA ASN A 181 -16.03 12.73 15.76
C ASN A 181 -17.50 12.83 15.33
N PHE A 182 -18.18 13.90 15.71
CA PHE A 182 -19.59 14.03 15.38
C PHE A 182 -19.71 14.21 13.87
N GLN A 183 -20.58 13.42 13.24
CA GLN A 183 -20.73 13.43 11.79
C GLN A 183 -21.68 14.52 11.31
N PHE A 184 -21.16 15.72 11.06
CA PHE A 184 -21.99 16.85 10.65
C PHE A 184 -22.44 16.76 9.20
N TYR A 185 -21.82 15.85 8.45
CA TYR A 185 -22.24 15.56 7.08
C TYR A 185 -23.52 14.73 7.03
N SER A 186 -24.07 14.37 8.19
CA SER A 186 -25.43 13.82 8.29
C SER A 186 -26.50 14.88 8.01
N TYR A 187 -26.15 16.17 8.09
CA TYR A 187 -27.12 17.24 7.85
C TYR A 187 -27.21 17.57 6.36
N GLY A 188 -28.19 18.38 6.00
CA GLY A 188 -28.50 18.62 4.60
C GLY A 188 -27.49 19.45 3.83
N ALA A 189 -27.43 19.19 2.52
CA ALA A 189 -26.53 19.91 1.62
C ALA A 189 -26.85 21.41 1.53
N GLY A 190 -28.07 21.78 1.89
CA GLY A 190 -28.48 23.18 1.94
C GLY A 190 -28.07 23.95 3.19
N THR A 191 -27.43 23.28 4.14
CA THR A 191 -27.04 23.91 5.39
C THR A 191 -26.15 25.15 5.18
N SER A 192 -26.56 26.29 5.73
CA SER A 192 -25.74 27.51 5.66
C SER A 192 -24.65 27.51 6.73
N ALA A 193 -23.70 28.43 6.63
CA ALA A 193 -22.67 28.57 7.66
C ALA A 193 -23.26 28.89 9.05
N SER A 194 -24.27 29.77 9.09
N SER A 194 -24.26 29.77 9.11
CA SER A 194 -24.94 30.14 10.34
CA SER A 194 -24.90 30.11 10.38
C SER A 194 -25.65 28.92 10.96
C SER A 194 -25.66 28.92 10.97
N GLN A 195 -26.37 28.18 10.13
CA GLN A 195 -27.05 26.96 10.58
C GLN A 195 -26.03 25.93 11.09
N TYR A 196 -24.90 25.82 10.42
CA TYR A 196 -23.87 24.87 10.85
C TYR A 196 -23.37 25.19 12.25
N VAL A 197 -23.12 26.47 12.51
CA VAL A 197 -22.71 26.90 13.84
C VAL A 197 -23.77 26.50 14.87
N SER A 198 -25.05 26.72 14.55
CA SER A 198 -26.13 26.31 15.45
C SER A 198 -26.15 24.78 15.67
N LEU A 199 -26.00 24.03 14.59
CA LEU A 199 -26.01 22.57 14.66
C LEU A 199 -24.83 22.05 15.48
N TYR A 200 -23.68 22.72 15.32
CA TYR A 200 -22.50 22.38 16.09
C TYR A 200 -22.75 22.63 17.58
N ASN A 201 -23.33 23.77 17.93
CA ASN A 201 -23.64 24.05 19.32
C ASN A 201 -24.58 23.03 19.93
N THR A 202 -25.58 22.59 19.18
CA THR A 202 -26.52 21.62 19.69
C THR A 202 -25.83 20.27 19.93
N ALA A 203 -25.05 19.81 18.96
CA ALA A 203 -24.31 18.55 19.11
C ALA A 203 -23.32 18.64 20.26
N ALA A 204 -22.59 19.76 20.31
CA ALA A 204 -21.62 19.93 21.39
C ALA A 204 -22.28 19.87 22.77
N SER A 205 -23.50 20.41 22.90
CA SER A 205 -24.22 20.40 24.18
C SER A 205 -24.53 18.99 24.69
N LYS A 206 -24.57 18.01 23.77
CA LYS A 206 -24.89 16.61 24.10
C LYS A 206 -23.65 15.76 24.39
N TYR A 207 -22.46 16.29 24.07
CA TYR A 207 -21.21 15.54 24.17
C TYR A 207 -20.16 16.34 24.93
N GLY A 208 -20.59 16.90 26.05
CA GLY A 208 -19.68 17.48 27.02
C GLY A 208 -19.41 18.97 26.91
N GLY A 209 -20.03 19.63 25.92
CA GLY A 209 -19.98 21.09 25.80
C GLY A 209 -19.22 21.60 24.61
N GLY A 210 -18.36 20.76 24.03
CA GLY A 210 -17.60 21.17 22.85
C GLY A 210 -16.10 20.97 22.90
N ALA A 211 -15.51 20.91 24.10
CA ALA A 211 -14.06 20.78 24.21
C ALA A 211 -13.51 19.61 23.41
N LYS A 212 -14.30 18.56 23.30
CA LYS A 212 -13.86 17.33 22.63
C LYS A 212 -14.56 17.12 21.29
N VAL A 213 -15.44 18.03 20.90
CA VAL A 213 -16.31 17.78 19.76
C VAL A 213 -15.73 18.42 18.50
N LEU A 214 -15.29 17.58 17.56
CA LEU A 214 -14.72 18.07 16.30
C LEU A 214 -15.79 18.41 15.29
N ALA A 215 -15.56 19.47 14.51
CA ALA A 215 -16.38 19.76 13.35
C ALA A 215 -15.97 18.82 12.24
N SER A 216 -16.84 18.68 11.24
CA SER A 216 -16.56 17.78 10.13
C SER A 216 -17.37 18.09 8.88
N PHE A 217 -16.88 17.53 7.78
CA PHE A 217 -17.59 17.52 6.52
C PHE A 217 -17.19 16.31 5.70
N SER A 218 -17.98 16.03 4.66
CA SER A 218 -17.68 14.96 3.72
C SER A 218 -17.12 15.54 2.45
N THR A 219 -16.16 14.83 1.86
CA THR A 219 -15.67 15.12 0.53
C THR A 219 -16.25 14.14 -0.50
N GLY A 220 -17.23 13.34 -0.08
CA GLY A 220 -17.85 12.36 -0.97
C GLY A 220 -19.17 12.80 -1.55
N GLY A 221 -19.46 14.10 -1.49
CA GLY A 221 -20.63 14.67 -2.14
C GLY A 221 -21.92 14.57 -1.32
N VAL A 222 -21.79 14.46 0.00
CA VAL A 222 -22.96 14.47 0.87
C VAL A 222 -22.76 15.49 1.97
N GLY A 223 -23.87 16.00 2.50
CA GLY A 223 -23.83 16.94 3.61
C GLY A 223 -23.54 18.38 3.24
N PRO A 224 -23.37 19.23 4.26
CA PRO A 224 -23.07 20.64 4.03
C PRO A 224 -21.81 20.80 3.16
N ALA A 225 -21.83 21.77 2.24
CA ALA A 225 -20.70 22.01 1.37
C ALA A 225 -19.44 22.30 2.17
N PRO A 226 -18.32 21.65 1.83
CA PRO A 226 -17.07 21.90 2.55
C PRO A 226 -16.68 23.37 2.72
N SER A 227 -16.83 24.18 1.65
CA SER A 227 -16.47 25.60 1.75
C SER A 227 -17.34 26.31 2.78
N THR A 228 -18.61 25.91 2.86
CA THR A 228 -19.53 26.48 3.84
C THR A 228 -19.16 26.04 5.25
N VAL A 229 -18.86 24.77 5.41
CA VAL A 229 -18.41 24.29 6.71
C VAL A 229 -17.14 25.00 7.16
N LEU A 230 -16.19 25.21 6.25
CA LEU A 230 -14.95 25.89 6.59
C LEU A 230 -15.20 27.32 7.06
N SER A 231 -16.18 27.99 6.45
CA SER A 231 -16.60 29.31 6.91
C SER A 231 -17.16 29.28 8.34
N ALA A 232 -18.02 28.31 8.61
CA ALA A 232 -18.54 28.12 9.98
C ALA A 232 -17.43 27.83 10.96
N CYS A 233 -16.45 27.02 10.53
CA CYS A 233 -15.33 26.67 11.38
C CYS A 233 -14.49 27.88 11.76
N GLN A 234 -14.38 28.85 10.85
CA GLN A 234 -13.66 30.10 11.15
C GLN A 234 -14.35 30.86 12.30
N GLN A 235 -15.67 30.83 12.34
CA GLN A 235 -16.42 31.47 13.43
C GLN A 235 -16.17 30.77 14.75
N LEU A 236 -16.25 29.43 14.75
CA LEU A 236 -15.96 28.67 15.96
C LEU A 236 -14.53 28.91 16.45
N LYS A 237 -13.59 29.02 15.51
CA LYS A 237 -12.19 29.24 15.86
C LYS A 237 -11.99 30.62 16.48
N SER A 238 -12.61 31.62 15.86
CA SER A 238 -12.58 33.00 16.38
C SER A 238 -13.12 33.09 17.81
N SER A 239 -14.09 32.24 18.14
CA SER A 239 -14.68 32.18 19.49
C SER A 239 -13.82 31.41 20.51
N GLY A 240 -12.77 30.75 20.04
CA GLY A 240 -11.92 29.94 20.90
C GLY A 240 -12.59 28.63 21.29
N THR A 241 -13.51 28.17 20.45
CA THR A 241 -14.28 26.95 20.74
C THR A 241 -14.29 25.97 19.55
N LEU A 242 -13.13 25.73 18.94
CA LEU A 242 -13.00 24.72 17.87
C LEU A 242 -11.80 23.84 18.19
N PRO A 243 -12.04 22.62 18.70
CA PRO A 243 -10.88 21.78 19.03
C PRO A 243 -10.20 21.15 17.82
N GLY A 244 -10.93 21.08 16.71
CA GLY A 244 -10.40 20.42 15.53
C GLY A 244 -11.46 20.13 14.50
N ILE A 245 -11.02 19.50 13.42
CA ILE A 245 -11.87 19.17 12.27
C ILE A 245 -11.49 17.77 11.80
N PHE A 246 -12.49 16.98 11.38
CA PHE A 246 -12.18 15.76 10.62
C PHE A 246 -12.96 15.69 9.31
N ILE A 247 -12.43 14.90 8.38
CA ILE A 247 -12.99 14.70 7.05
C ILE A 247 -13.24 13.23 6.79
N PHE A 248 -14.43 12.94 6.29
CA PHE A 248 -14.74 11.64 5.71
C PHE A 248 -14.86 11.87 4.20
N SER A 249 -13.87 11.50 3.39
CA SER A 249 -12.71 10.66 3.73
C SER A 249 -11.66 10.88 2.66
N ALA A 250 -10.46 10.36 2.90
CA ALA A 250 -9.41 10.42 1.88
C ALA A 250 -9.83 9.71 0.59
N ASP A 251 -10.54 8.59 0.73
CA ASP A 251 -11.01 7.82 -0.44
C ASP A 251 -11.95 8.69 -1.27
N GLY A 252 -12.85 9.39 -0.57
CA GLY A 252 -13.83 10.28 -1.20
C GLY A 252 -13.12 11.40 -1.94
N SER A 253 -12.14 11.99 -1.29
CA SER A 253 -11.38 13.07 -1.89
C SER A 253 -10.61 12.60 -3.12
N TYR A 254 -10.01 11.42 -3.01
CA TYR A 254 -9.22 10.83 -4.08
C TYR A 254 -10.05 10.65 -5.34
N ALA A 255 -11.32 10.26 -5.16
CA ALA A 255 -12.24 10.00 -6.25
C ALA A 255 -13.00 11.24 -6.69
N SER A 256 -12.81 12.37 -6.01
CA SER A 256 -13.57 13.60 -6.28
C SER A 256 -12.84 14.52 -7.26
N SER A 257 -13.60 15.40 -7.92
CA SER A 257 -12.98 16.39 -8.80
C SER A 257 -12.20 17.45 -7.99
N ALA A 258 -12.62 17.71 -6.76
CA ALA A 258 -11.95 18.70 -5.91
C ALA A 258 -10.64 18.17 -5.33
N LYS A 259 -10.42 16.86 -5.42
CA LYS A 259 -9.24 16.22 -4.86
C LYS A 259 -9.06 16.63 -3.37
N PHE A 260 -7.87 17.03 -2.94
CA PHE A 260 -7.60 17.22 -1.52
C PHE A 260 -7.50 18.68 -1.06
N GLN A 261 -8.09 19.59 -1.82
CA GLN A 261 -7.97 21.00 -1.47
C GLN A 261 -8.61 21.34 -0.14
N TYR A 262 -9.69 20.64 0.23
CA TYR A 262 -10.35 20.97 1.50
C TYR A 262 -9.62 20.41 2.73
N GLU A 263 -8.91 19.30 2.56
CA GLU A 263 -8.01 18.80 3.61
C GLU A 263 -6.98 19.89 3.94
N GLN A 264 -6.41 20.47 2.91
CA GLN A 264 -5.41 21.53 3.09
C GLN A 264 -6.01 22.75 3.76
N GLN A 265 -7.14 23.20 3.23
CA GLN A 265 -7.82 24.35 3.80
C GLN A 265 -8.17 24.16 5.26
N ALA A 266 -8.66 22.97 5.62
CA ALA A 266 -9.00 22.70 7.01
C ALA A 266 -7.79 22.83 7.94
N GLN A 267 -6.65 22.31 7.51
CA GLN A 267 -5.45 22.36 8.33
C GLN A 267 -4.88 23.77 8.39
N THR A 268 -4.95 24.49 7.29
CA THR A 268 -4.52 25.88 7.27
C THR A 268 -5.37 26.71 8.23
N LEU A 269 -6.67 26.46 8.24
CA LEU A 269 -7.57 27.18 9.15
C LEU A 269 -7.17 26.92 10.61
N LEU A 270 -6.87 25.66 10.93
CA LEU A 270 -6.54 25.30 12.30
C LEU A 270 -5.22 25.90 12.77
N THR A 271 -4.29 26.15 11.85
CA THR A 271 -2.96 26.63 12.21
C THR A 271 -2.76 28.14 12.04
N SER A 272 -3.74 28.84 11.48
CA SER A 272 -3.55 30.25 11.13
C SER A 272 -3.90 31.18 12.30
N LYS B 2 -0.68 -12.69 -6.40
CA LYS B 2 -0.12 -14.02 -6.76
C LYS B 2 0.76 -13.92 -8.00
N VAL B 3 1.71 -12.97 -8.00
CA VAL B 3 2.67 -12.86 -9.10
C VAL B 3 3.94 -13.65 -8.79
N PHE B 4 4.32 -14.53 -9.71
CA PHE B 4 5.60 -15.21 -9.61
C PHE B 4 6.41 -14.85 -10.84
N ARG B 5 7.68 -14.48 -10.66
CA ARG B 5 8.54 -14.09 -11.78
C ARG B 5 9.88 -14.82 -11.74
N GLU B 6 10.41 -15.13 -12.92
CA GLU B 6 11.62 -15.95 -13.07
C GLU B 6 12.53 -15.30 -14.10
N TYR B 7 13.68 -14.79 -13.68
CA TYR B 7 14.69 -14.31 -14.64
C TYR B 7 15.28 -15.51 -15.37
N ILE B 8 15.62 -15.32 -16.64
CA ILE B 8 16.15 -16.41 -17.45
C ILE B 8 16.93 -15.92 -18.67
N GLY B 9 18.06 -16.60 -18.92
CA GLY B 9 18.77 -16.51 -20.19
C GLY B 9 20.14 -15.89 -20.23
N ALA B 10 20.60 -15.29 -19.13
CA ALA B 10 21.84 -14.49 -19.16
C ALA B 10 23.13 -15.30 -19.14
N LEU B 11 23.09 -16.53 -18.66
CA LEU B 11 24.33 -17.32 -18.53
C LEU B 11 24.71 -18.11 -19.80
N TYR B 12 23.81 -18.19 -20.76
CA TYR B 12 24.02 -19.01 -21.97
C TYR B 12 24.39 -20.44 -21.58
N ASN B 13 23.63 -21.02 -20.65
CA ASN B 13 23.92 -22.38 -20.17
C ASN B 13 22.92 -23.43 -20.63
N GLY B 14 22.06 -23.07 -21.58
CA GLY B 14 21.12 -24.03 -22.16
C GLY B 14 19.77 -24.18 -21.49
N VAL B 15 19.53 -23.45 -20.40
CA VAL B 15 18.25 -23.53 -19.73
C VAL B 15 17.14 -23.05 -20.68
N GLN B 16 15.98 -23.68 -20.59
CA GLN B 16 14.83 -23.36 -21.44
C GLN B 16 13.64 -22.99 -20.57
N PHE B 17 12.68 -22.28 -21.15
CA PHE B 17 11.41 -21.98 -20.46
C PHE B 17 10.80 -23.30 -19.96
N THR B 18 10.91 -24.33 -20.79
CA THR B 18 10.27 -25.61 -20.49
C THR B 18 10.89 -26.38 -19.32
N ASP B 19 12.07 -25.96 -18.88
CA ASP B 19 12.68 -26.53 -17.65
C ASP B 19 12.06 -26.00 -16.37
N VAL B 20 11.40 -24.85 -16.44
CA VAL B 20 10.95 -24.16 -15.25
C VAL B 20 9.54 -24.60 -14.86
N PRO B 21 9.35 -25.04 -13.61
CA PRO B 21 8.00 -25.41 -13.19
C PRO B 21 7.00 -24.25 -13.30
N ILE B 22 5.86 -24.48 -13.92
CA ILE B 22 4.83 -23.47 -14.10
C ILE B 22 3.55 -23.96 -13.43
N ASN B 23 3.14 -23.26 -12.37
CA ASN B 23 1.89 -23.54 -11.67
C ASN B 23 0.77 -22.74 -12.34
N SER B 24 -0.34 -23.41 -12.69
CA SER B 24 -1.43 -22.73 -13.39
C SER B 24 -2.15 -21.66 -12.56
N GLY B 25 -1.94 -21.68 -11.25
CA GLY B 25 -2.65 -20.78 -10.33
C GLY B 25 -2.02 -19.45 -10.02
N VAL B 26 -0.83 -19.18 -10.57
CA VAL B 26 -0.15 -17.90 -10.36
C VAL B 26 -0.15 -17.12 -11.66
N THR B 27 0.00 -15.81 -11.53
CA THR B 27 0.33 -14.95 -12.66
C THR B 27 1.82 -15.14 -12.86
N PHE B 28 2.21 -15.78 -13.96
CA PHE B 28 3.59 -16.22 -14.17
C PHE B 28 4.30 -15.34 -15.19
N HIS B 29 5.43 -14.75 -14.79
CA HIS B 29 6.25 -13.95 -15.70
C HIS B 29 7.65 -14.54 -15.84
N PHE B 30 8.03 -14.92 -17.05
CA PHE B 30 9.45 -15.08 -17.35
C PHE B 30 10.03 -13.68 -17.65
N ILE B 31 11.27 -13.46 -17.25
CA ILE B 31 11.97 -12.22 -17.56
C ILE B 31 13.30 -12.54 -18.23
N LEU B 32 13.35 -12.33 -19.54
CA LEU B 32 14.57 -12.54 -20.31
C LEU B 32 15.66 -11.57 -19.86
N ALA B 33 16.85 -12.11 -19.61
CA ALA B 33 17.97 -11.30 -19.11
C ALA B 33 19.15 -11.52 -20.04
N PHE B 34 19.67 -10.51 -20.77
CA PHE B 34 19.32 -9.09 -20.71
C PHE B 34 19.31 -8.49 -22.11
N ALA B 35 18.55 -7.41 -22.30
CA ALA B 35 18.72 -6.52 -23.43
C ALA B 35 19.63 -5.40 -22.92
N ILE B 36 20.63 -5.04 -23.72
CA ILE B 36 21.59 -4.03 -23.31
C ILE B 36 21.86 -3.12 -24.51
N ASP B 37 21.87 -1.83 -24.24
CA ASP B 37 22.15 -0.83 -25.28
C ASP B 37 23.65 -0.60 -25.40
N TYR B 38 24.35 -1.69 -25.73
CA TYR B 38 25.80 -1.75 -25.90
C TYR B 38 26.12 -2.72 -27.01
N THR B 39 27.27 -2.53 -27.64
CA THR B 39 27.78 -3.50 -28.61
C THR B 39 28.55 -4.59 -27.87
N SER B 40 28.90 -5.67 -28.57
N SER B 40 28.88 -5.66 -28.60
CA SER B 40 29.64 -6.76 -27.95
CA SER B 40 29.68 -6.77 -28.05
C SER B 40 31.09 -6.37 -27.60
C SER B 40 31.02 -6.29 -27.52
N ALA B 41 31.57 -5.25 -28.16
CA ALA B 41 32.84 -4.64 -27.76
C ALA B 41 32.70 -3.68 -26.56
N ALA B 42 31.51 -3.63 -25.96
CA ALA B 42 31.19 -2.82 -24.77
C ALA B 42 31.20 -1.32 -25.02
N ALA B 43 30.75 -0.92 -26.22
CA ALA B 43 30.51 0.47 -26.57
C ALA B 43 29.02 0.76 -26.45
N ALA B 44 28.66 1.81 -25.73
CA ALA B 44 27.25 2.18 -25.60
C ALA B 44 26.68 2.56 -26.96
N THR B 45 25.40 2.26 -27.17
CA THR B 45 24.72 2.54 -28.43
C THR B 45 23.71 3.66 -28.33
N ASN B 46 23.67 4.36 -27.20
CA ASN B 46 22.69 5.43 -26.98
C ASN B 46 21.25 4.95 -27.11
N GLY B 47 20.96 3.85 -26.42
CA GLY B 47 19.61 3.36 -26.30
C GLY B 47 19.13 2.42 -27.40
N VAL B 48 20.00 2.02 -28.32
CA VAL B 48 19.62 1.01 -29.30
C VAL B 48 19.90 -0.36 -28.68
N PHE B 49 18.85 -1.05 -28.24
CA PHE B 49 19.04 -2.28 -27.48
C PHE B 49 19.39 -3.49 -28.33
N ASN B 50 20.39 -4.21 -27.84
CA ASN B 50 20.84 -5.48 -28.39
C ASN B 50 20.53 -6.62 -27.44
N ILE B 51 20.54 -7.83 -27.99
CA ILE B 51 20.15 -9.03 -27.27
C ILE B 51 21.35 -9.73 -26.62
N TYR B 52 21.31 -9.83 -25.29
CA TYR B 52 22.33 -10.54 -24.53
C TYR B 52 21.71 -11.57 -23.59
N TRP B 53 20.69 -12.27 -24.10
CA TRP B 53 20.33 -13.57 -23.54
C TRP B 53 20.61 -14.62 -24.60
N GLN B 54 20.50 -15.89 -24.21
CA GLN B 54 20.77 -16.99 -25.12
C GLN B 54 19.62 -17.17 -26.10
N ASN B 55 19.55 -16.26 -27.08
CA ASN B 55 18.38 -16.19 -27.96
C ASN B 55 18.36 -17.26 -29.05
N SER B 56 19.48 -17.96 -29.26
CA SER B 56 19.44 -19.15 -30.11
C SER B 56 18.61 -20.29 -29.48
N VAL B 57 18.46 -20.25 -28.16
CA VAL B 57 17.68 -21.21 -27.42
C VAL B 57 16.31 -20.62 -27.07
N LEU B 58 16.35 -19.44 -26.46
CA LEU B 58 15.14 -18.72 -26.07
C LEU B 58 14.76 -17.81 -27.24
N THR B 59 14.24 -18.44 -28.28
CA THR B 59 13.90 -17.81 -29.54
C THR B 59 12.51 -17.20 -29.49
N PRO B 60 12.16 -16.41 -30.51
CA PRO B 60 10.77 -16.00 -30.61
C PRO B 60 9.80 -17.19 -30.60
N ALA B 61 10.14 -18.26 -31.31
CA ALA B 61 9.27 -19.44 -31.35
C ALA B 61 9.09 -20.04 -29.97
N ALA B 62 10.16 -20.04 -29.16
CA ALA B 62 10.07 -20.56 -27.80
C ALA B 62 9.15 -19.72 -26.90
N VAL B 63 9.20 -18.40 -27.08
CA VAL B 63 8.31 -17.51 -26.31
C VAL B 63 6.86 -17.77 -26.73
N GLN B 64 6.62 -17.80 -28.03
CA GLN B 64 5.29 -18.04 -28.55
C GLN B 64 4.71 -19.35 -28.02
N ALA B 65 5.55 -20.39 -28.02
CA ALA B 65 5.11 -21.73 -27.64
C ALA B 65 4.74 -21.79 -26.17
N ILE B 66 5.58 -21.24 -25.29
CA ILE B 66 5.29 -21.35 -23.85
C ILE B 66 4.04 -20.54 -23.50
N LYS B 67 3.86 -19.40 -24.14
CA LYS B 67 2.66 -18.61 -23.91
C LYS B 67 1.42 -19.30 -24.46
N ALA B 68 1.54 -19.98 -25.60
CA ALA B 68 0.39 -20.70 -26.18
C ALA B 68 -0.05 -21.87 -25.30
N GLN B 69 0.92 -22.49 -24.63
CA GLN B 69 0.65 -23.65 -23.80
C GLN B 69 0.08 -23.28 -22.44
N HIS B 70 0.45 -22.10 -21.93
CA HIS B 70 0.12 -21.67 -20.57
C HIS B 70 -0.44 -20.26 -20.59
N SER B 71 -1.76 -20.15 -20.46
CA SER B 71 -2.44 -18.88 -20.59
C SER B 71 -2.12 -17.90 -19.46
N ASN B 72 -1.50 -18.38 -18.38
CA ASN B 72 -1.09 -17.53 -17.26
C ASN B 72 0.34 -17.00 -17.39
N VAL B 73 1.00 -17.31 -18.51
CA VAL B 73 2.39 -16.91 -18.71
C VAL B 73 2.54 -15.68 -19.61
N LYS B 74 3.35 -14.73 -19.13
CA LYS B 74 3.85 -13.62 -19.93
C LYS B 74 5.37 -13.67 -19.92
N VAL B 75 5.99 -13.04 -20.91
CA VAL B 75 7.45 -12.98 -20.98
C VAL B 75 7.86 -11.52 -21.14
N MET B 76 8.71 -11.04 -20.24
CA MET B 76 9.22 -9.67 -20.29
C MET B 76 10.72 -9.72 -20.59
N VAL B 77 11.33 -8.55 -20.73
CA VAL B 77 12.78 -8.47 -20.93
C VAL B 77 13.36 -7.46 -19.95
N SER B 78 14.48 -7.83 -19.33
CA SER B 78 15.19 -6.97 -18.39
C SER B 78 16.32 -6.21 -19.07
N LEU B 79 16.47 -4.93 -18.70
CA LEU B 79 17.41 -4.03 -19.33
C LEU B 79 18.63 -3.83 -18.45
N GLY B 80 19.80 -3.98 -19.05
CA GLY B 80 21.06 -3.62 -18.40
C GLY B 80 21.81 -4.80 -17.81
N GLY B 81 21.55 -5.07 -16.54
CA GLY B 81 22.31 -6.05 -15.80
C GLY B 81 23.67 -5.51 -15.41
N ASP B 82 24.54 -6.40 -14.93
CA ASP B 82 25.81 -5.99 -14.35
C ASP B 82 26.85 -5.65 -15.42
N THR B 83 27.10 -6.59 -16.33
CA THR B 83 28.21 -6.46 -17.27
C THR B 83 27.87 -6.81 -18.73
N ILE B 84 28.71 -6.31 -19.63
CA ILE B 84 28.65 -6.60 -21.05
C ILE B 84 30.08 -6.97 -21.44
N SER B 85 30.29 -8.21 -21.85
CA SER B 85 31.65 -8.71 -22.15
C SER B 85 32.62 -8.39 -21.01
N GLY B 86 32.16 -8.53 -19.76
CA GLY B 86 32.97 -8.24 -18.58
C GLY B 86 33.08 -6.79 -18.10
N SER B 87 32.62 -5.84 -18.93
CA SER B 87 32.69 -4.40 -18.63
C SER B 87 31.40 -3.98 -17.94
N PRO B 88 31.47 -3.12 -16.90
CA PRO B 88 30.21 -2.68 -16.29
C PRO B 88 29.28 -1.98 -17.29
N VAL B 89 27.99 -2.32 -17.22
CA VAL B 89 26.98 -1.66 -18.05
C VAL B 89 26.66 -0.30 -17.42
N GLN B 90 27.44 0.72 -17.76
CA GLN B 90 27.17 2.07 -17.30
C GLN B 90 26.02 2.65 -18.11
N PHE B 91 24.96 3.11 -17.45
CA PHE B 91 23.92 3.82 -18.16
C PHE B 91 24.51 5.09 -18.75
N THR B 92 24.27 5.32 -20.03
CA THR B 92 24.76 6.54 -20.65
C THR B 92 23.91 6.97 -21.84
N ALA B 93 23.68 8.28 -21.91
CA ALA B 93 22.86 8.87 -22.96
C ALA B 93 23.56 10.05 -23.59
N THR B 94 23.53 10.11 -24.92
CA THR B 94 24.07 11.25 -25.64
C THR B 94 23.25 12.49 -25.30
N SER B 95 21.94 12.30 -25.31
CA SER B 95 20.96 13.26 -24.83
C SER B 95 19.76 12.45 -24.38
N VAL B 96 18.93 13.04 -23.53
CA VAL B 96 17.73 12.36 -23.06
C VAL B 96 16.84 12.02 -24.25
N SER B 97 16.58 12.99 -25.13
CA SER B 97 15.65 12.77 -26.21
C SER B 97 16.13 11.72 -27.19
N SER B 98 17.43 11.70 -27.50
CA SER B 98 17.93 10.71 -28.44
C SER B 98 17.94 9.30 -27.84
N TRP B 99 18.33 9.20 -26.57
CA TRP B 99 18.27 7.90 -25.89
C TRP B 99 16.85 7.37 -25.85
N VAL B 100 15.91 8.21 -25.46
CA VAL B 100 14.52 7.80 -25.34
C VAL B 100 13.99 7.35 -26.71
N ALA B 101 14.28 8.11 -27.77
CA ALA B 101 13.77 7.73 -29.08
C ALA B 101 14.31 6.38 -29.52
N ASN B 102 15.60 6.14 -29.28
CA ASN B 102 16.21 4.87 -29.64
C ASN B 102 15.71 3.71 -28.77
N ALA B 103 15.49 3.99 -27.49
CA ALA B 103 15.05 2.95 -26.55
C ALA B 103 13.61 2.53 -26.82
N VAL B 104 12.72 3.52 -26.98
CA VAL B 104 11.34 3.19 -27.28
C VAL B 104 11.23 2.41 -28.59
N SER B 105 11.91 2.89 -29.63
CA SER B 105 11.83 2.25 -30.93
C SER B 105 12.47 0.86 -30.95
N SER B 106 13.70 0.74 -30.45
CA SER B 106 14.40 -0.55 -30.46
C SER B 106 13.71 -1.58 -29.59
N LEU B 107 13.20 -1.18 -28.43
CA LEU B 107 12.50 -2.14 -27.58
C LEU B 107 11.15 -2.49 -28.14
N THR B 108 10.48 -1.55 -28.81
CA THR B 108 9.20 -1.89 -29.43
C THR B 108 9.45 -2.94 -30.50
N SER B 109 10.49 -2.75 -31.30
CA SER B 109 10.84 -3.75 -32.31
C SER B 109 11.11 -5.12 -31.68
N LEU B 110 11.86 -5.13 -30.58
CA LEU B 110 12.23 -6.37 -29.91
C LEU B 110 11.02 -7.06 -29.31
N ILE B 111 10.18 -6.27 -28.66
CA ILE B 111 8.94 -6.76 -28.05
C ILE B 111 8.02 -7.39 -29.10
N ASN B 112 7.91 -6.74 -30.24
CA ASN B 112 7.10 -7.29 -31.31
C ASN B 112 7.68 -8.54 -31.91
N GLN B 113 9.01 -8.59 -32.04
CA GLN B 113 9.70 -9.75 -32.60
C GLN B 113 9.58 -10.98 -31.70
N TYR B 114 9.76 -10.77 -30.40
CA TYR B 114 9.79 -11.86 -29.43
C TYR B 114 8.45 -12.09 -28.71
N HIS B 115 7.39 -11.38 -29.11
CA HIS B 115 6.06 -11.58 -28.51
C HIS B 115 6.06 -11.30 -27.00
N LEU B 116 6.74 -10.23 -26.62
CA LEU B 116 6.92 -9.93 -25.20
C LEU B 116 5.79 -9.07 -24.65
N ASP B 117 5.77 -8.96 -23.32
CA ASP B 117 4.69 -8.30 -22.59
C ASP B 117 5.10 -7.12 -21.75
N GLY B 118 6.41 -6.84 -21.65
CA GLY B 118 6.86 -5.83 -20.73
C GLY B 118 8.35 -5.74 -20.60
N ILE B 119 8.77 -4.77 -19.80
CA ILE B 119 10.18 -4.52 -19.54
C ILE B 119 10.45 -4.36 -18.06
N ASP B 120 11.67 -4.72 -17.69
CA ASP B 120 12.18 -4.64 -16.33
C ASP B 120 13.47 -3.80 -16.37
N ILE B 121 13.57 -2.82 -15.49
CA ILE B 121 14.73 -1.90 -15.45
C ILE B 121 15.74 -2.39 -14.43
N ASP B 122 16.92 -2.80 -14.91
CA ASP B 122 17.92 -3.41 -14.04
C ASP B 122 19.33 -2.84 -14.30
N TYR B 123 19.41 -1.53 -14.48
CA TYR B 123 20.71 -0.86 -14.51
C TYR B 123 21.25 -0.72 -13.09
N GLU B 124 22.56 -0.89 -12.91
CA GLU B 124 23.15 -0.69 -11.59
C GLU B 124 24.39 0.19 -11.55
N HIS B 125 24.86 0.65 -12.72
CA HIS B 125 26.08 1.45 -12.80
C HIS B 125 25.78 2.84 -13.31
N PHE B 126 26.08 3.84 -12.47
CA PHE B 126 25.59 5.21 -12.65
C PHE B 126 26.70 6.24 -12.59
N ASP B 127 27.90 5.87 -12.99
CA ASP B 127 29.00 6.82 -12.97
C ASP B 127 28.97 7.79 -14.13
N GLN B 128 28.26 7.45 -15.21
CA GLN B 128 28.30 8.21 -16.48
C GLN B 128 27.00 8.98 -16.78
N VAL B 129 26.08 8.97 -15.84
CA VAL B 129 24.81 9.68 -16.00
C VAL B 129 24.37 10.30 -14.67
N SER B 130 23.69 11.44 -14.73
CA SER B 130 23.08 12.02 -13.53
C SER B 130 21.80 11.27 -13.19
N THR B 131 21.42 11.28 -11.93
CA THR B 131 20.21 10.61 -11.52
C THR B 131 18.98 11.20 -12.23
N SER B 132 18.93 12.52 -12.35
CA SER B 132 17.80 13.14 -13.07
C SER B 132 17.70 12.69 -14.53
N THR B 133 18.84 12.58 -15.21
CA THR B 133 18.86 12.13 -16.60
C THR B 133 18.39 10.68 -16.69
N PHE B 134 18.87 9.83 -15.78
CA PHE B 134 18.47 8.43 -15.77
C PHE B 134 16.96 8.30 -15.57
N VAL B 135 16.45 9.00 -14.58
CA VAL B 135 15.00 8.96 -14.27
C VAL B 135 14.16 9.46 -15.46
N SER B 136 14.59 10.54 -16.09
CA SER B 136 13.90 11.08 -17.23
C SER B 136 13.87 10.07 -18.37
N CYS B 137 15.01 9.47 -18.65
CA CYS B 137 15.11 8.47 -19.74
C CYS B 137 14.17 7.29 -19.50
N ILE B 138 14.28 6.70 -18.31
CA ILE B 138 13.52 5.50 -18.01
C ILE B 138 12.04 5.78 -17.83
N GLY B 139 11.71 6.87 -17.15
CA GLY B 139 10.32 7.25 -16.97
C GLY B 139 9.62 7.49 -18.30
N GLN B 140 10.28 8.22 -19.20
CA GLN B 140 9.71 8.45 -20.54
C GLN B 140 9.60 7.18 -21.36
N LEU B 141 10.61 6.32 -21.29
CA LEU B 141 10.58 5.01 -21.94
C LEU B 141 9.34 4.21 -21.52
N ILE B 142 9.17 4.04 -20.21
CA ILE B 142 8.05 3.25 -19.71
C ILE B 142 6.71 3.91 -20.08
N THR B 143 6.64 5.22 -19.89
CA THR B 143 5.42 5.96 -20.16
C THR B 143 4.99 5.82 -21.62
N GLN B 144 5.95 5.97 -22.55
CA GLN B 144 5.65 5.82 -23.97
C GLN B 144 5.28 4.38 -24.35
N LEU B 145 5.99 3.39 -23.82
CA LEU B 145 5.64 1.99 -24.16
C LEU B 145 4.23 1.65 -23.66
N LYS B 146 3.83 2.18 -22.51
CA LYS B 146 2.47 2.00 -22.00
C LYS B 146 1.46 2.76 -22.86
N ALA B 147 1.77 4.00 -23.21
CA ALA B 147 0.83 4.82 -23.98
C ALA B 147 0.60 4.26 -25.38
N ASN B 148 1.66 3.67 -25.94
CA ASN B 148 1.64 3.11 -27.29
C ASN B 148 1.03 1.70 -27.30
N ASN B 149 0.62 1.20 -26.12
CA ASN B 149 0.03 -0.14 -25.99
C ASN B 149 0.97 -1.27 -26.39
N VAL B 150 2.25 -1.05 -26.12
CA VAL B 150 3.28 -2.01 -26.49
C VAL B 150 3.55 -3.00 -25.34
N ILE B 151 3.36 -2.54 -24.11
CA ILE B 151 3.56 -3.39 -22.91
C ILE B 151 2.37 -3.29 -21.96
N SER B 152 2.15 -4.38 -21.21
CA SER B 152 1.19 -4.42 -20.13
C SER B 152 1.85 -4.34 -18.75
N VAL B 153 3.16 -4.64 -18.65
CA VAL B 153 3.82 -4.67 -17.33
C VAL B 153 5.18 -4.00 -17.40
N ALA B 154 5.42 -3.06 -16.48
CA ALA B 154 6.74 -2.46 -16.31
C ALA B 154 7.19 -2.69 -14.86
N SER B 155 8.46 -3.03 -14.69
CA SER B 155 9.05 -3.23 -13.37
C SER B 155 10.43 -2.61 -13.26
N ILE B 156 10.86 -2.45 -12.02
CA ILE B 156 12.21 -1.98 -11.67
C ILE B 156 12.83 -3.02 -10.75
N ALA B 157 14.16 -3.13 -10.77
CA ALA B 157 14.85 -4.15 -9.97
C ALA B 157 15.92 -3.53 -9.05
N PRO B 158 15.49 -2.76 -8.05
CA PRO B 158 16.45 -2.06 -7.20
C PRO B 158 17.06 -2.91 -6.09
N PHE B 159 18.09 -2.34 -5.48
CA PHE B 159 18.67 -2.82 -4.23
C PHE B 159 19.24 -1.57 -3.54
N ASP B 160 19.77 -1.71 -2.33
CA ASP B 160 20.07 -0.52 -1.54
C ASP B 160 21.15 0.38 -2.16
N GLY B 161 22.13 -0.22 -2.82
CA GLY B 161 23.20 0.54 -3.46
C GLY B 161 22.76 1.46 -4.58
N VAL B 162 21.54 1.27 -5.08
CA VAL B 162 20.98 2.12 -6.13
C VAL B 162 19.67 2.78 -5.69
N GLU B 163 19.51 2.96 -4.37
CA GLU B 163 18.30 3.55 -3.80
C GLU B 163 17.99 4.94 -4.35
N SER B 164 19.01 5.80 -4.43
CA SER B 164 18.78 7.17 -4.87
C SER B 164 18.13 7.23 -6.26
N GLN B 165 18.60 6.38 -7.16
CA GLN B 165 18.13 6.36 -8.53
C GLN B 165 16.72 5.79 -8.63
N TYR B 166 16.49 4.65 -7.98
CA TYR B 166 15.23 3.95 -8.19
C TYR B 166 14.08 4.48 -7.34
N THR B 167 14.35 5.03 -6.16
CA THR B 167 13.29 5.68 -5.39
C THR B 167 12.82 6.95 -6.10
N ALA B 168 13.76 7.67 -6.72
CA ALA B 168 13.40 8.85 -7.50
C ALA B 168 12.52 8.45 -8.67
N LEU B 169 12.92 7.39 -9.37
CA LEU B 169 12.12 6.87 -10.49
C LEU B 169 10.73 6.41 -10.05
N PHE B 170 10.68 5.60 -8.99
CA PHE B 170 9.41 5.05 -8.57
C PHE B 170 8.45 6.12 -8.06
N GLY B 171 8.99 7.05 -7.28
CA GLY B 171 8.17 8.11 -6.69
C GLY B 171 7.53 9.04 -7.71
N GLN B 172 8.14 9.11 -8.89
CA GLN B 172 7.71 9.97 -9.98
C GLN B 172 6.78 9.26 -10.99
N TYR B 173 7.02 7.97 -11.19
CA TYR B 173 6.35 7.20 -12.24
C TYR B 173 5.61 5.97 -11.69
N SER B 174 5.17 6.05 -10.45
CA SER B 174 4.53 4.90 -9.82
C SER B 174 3.28 4.46 -10.59
N SER B 175 2.58 5.40 -11.24
CA SER B 175 1.37 5.01 -11.97
C SER B 175 1.63 4.11 -13.17
N VAL B 176 2.85 4.11 -13.71
CA VAL B 176 3.18 3.24 -14.84
C VAL B 176 4.17 2.13 -14.48
N ILE B 177 4.59 2.07 -13.21
CA ILE B 177 5.48 1.00 -12.77
C ILE B 177 4.67 0.04 -11.93
N ASP B 178 4.42 -1.15 -12.47
CA ASP B 178 3.52 -2.10 -11.85
C ASP B 178 4.12 -2.88 -10.71
N LEU B 179 5.42 -3.18 -10.80
CA LEU B 179 6.04 -4.13 -9.87
C LEU B 179 7.44 -3.68 -9.54
N VAL B 180 7.82 -3.89 -8.29
CA VAL B 180 9.16 -3.58 -7.81
C VAL B 180 9.84 -4.92 -7.46
N ASN B 181 10.77 -5.32 -8.31
CA ASN B 181 11.55 -6.53 -8.13
C ASN B 181 12.76 -6.22 -7.22
N PHE B 182 12.49 -5.97 -5.94
CA PHE B 182 13.57 -5.63 -5.02
C PHE B 182 14.46 -6.86 -4.81
N GLN B 183 15.77 -6.68 -4.97
CA GLN B 183 16.71 -7.79 -4.89
C GLN B 183 17.12 -8.07 -3.46
N PHE B 184 16.35 -8.92 -2.79
CA PHE B 184 16.64 -9.27 -1.39
C PHE B 184 17.87 -10.18 -1.26
N TYR B 185 18.26 -10.81 -2.36
CA TYR B 185 19.46 -11.63 -2.39
C TYR B 185 20.74 -10.79 -2.35
N SER B 186 20.58 -9.47 -2.30
CA SER B 186 21.69 -8.56 -2.03
C SER B 186 22.12 -8.63 -0.56
N TYR B 187 21.26 -9.18 0.30
CA TYR B 187 21.57 -9.26 1.73
C TYR B 187 22.38 -10.51 2.07
N GLY B 188 22.90 -10.57 3.29
CA GLY B 188 23.85 -11.62 3.66
C GLY B 188 23.26 -13.02 3.72
N ALA B 189 24.11 -14.01 3.44
CA ALA B 189 23.73 -15.43 3.52
C ALA B 189 23.26 -15.87 4.90
N GLY B 190 23.70 -15.18 5.93
CA GLY B 190 23.28 -15.47 7.31
C GLY B 190 21.94 -14.88 7.75
N THR B 191 21.23 -14.23 6.83
CA THR B 191 19.97 -13.58 7.17
C THR B 191 18.92 -14.59 7.64
N SER B 192 18.39 -14.37 8.83
CA SER B 192 17.31 -15.20 9.39
C SER B 192 15.96 -14.84 8.78
N ALA B 193 14.95 -15.67 9.03
CA ALA B 193 13.60 -15.40 8.49
C ALA B 193 13.01 -14.13 9.08
N SER B 194 13.22 -13.91 10.39
CA SER B 194 12.69 -12.71 11.05
C SER B 194 13.44 -11.45 10.57
N GLN B 195 14.75 -11.56 10.37
CA GLN B 195 15.54 -10.48 9.78
C GLN B 195 15.02 -10.17 8.36
N TYR B 196 14.73 -11.20 7.59
CA TYR B 196 14.24 -10.99 6.22
C TYR B 196 12.93 -10.21 6.22
N VAL B 197 12.02 -10.56 7.13
CA VAL B 197 10.75 -9.86 7.24
C VAL B 197 11.00 -8.38 7.55
N SER B 198 11.92 -8.08 8.46
N SER B 198 11.92 -8.09 8.48
CA SER B 198 12.24 -6.71 8.79
CA SER B 198 12.27 -6.71 8.80
C SER B 198 12.83 -5.96 7.59
C SER B 198 12.78 -5.99 7.56
N LEU B 199 13.73 -6.62 6.86
CA LEU B 199 14.33 -6.04 5.66
C LEU B 199 13.29 -5.80 4.56
N TYR B 200 12.33 -6.73 4.44
CA TYR B 200 11.22 -6.55 3.50
C TYR B 200 10.43 -5.28 3.83
N ASN B 201 10.06 -5.14 5.10
CA ASN B 201 9.31 -3.97 5.54
C ASN B 201 10.04 -2.67 5.27
N THR B 202 11.35 -2.66 5.49
CA THR B 202 12.14 -1.46 5.25
C THR B 202 12.18 -1.12 3.76
N ALA B 203 12.41 -2.13 2.92
CA ALA B 203 12.41 -1.92 1.47
C ALA B 203 11.03 -1.46 1.00
N ALA B 204 10.00 -2.13 1.50
CA ALA B 204 8.63 -1.79 1.11
C ALA B 204 8.28 -0.34 1.42
N SER B 205 8.77 0.16 2.55
CA SER B 205 8.52 1.55 2.97
C SER B 205 9.07 2.59 1.98
N LYS B 206 10.10 2.21 1.24
CA LYS B 206 10.75 3.10 0.26
C LYS B 206 10.13 3.03 -1.15
N TYR B 207 9.28 2.02 -1.39
CA TYR B 207 8.72 1.74 -2.72
C TYR B 207 7.20 1.59 -2.69
N GLY B 208 6.54 2.51 -1.99
CA GLY B 208 5.10 2.63 -2.03
C GLY B 208 4.34 1.89 -0.95
N GLY B 209 5.05 1.20 -0.06
CA GLY B 209 4.44 0.58 1.12
C GLY B 209 4.37 -0.93 1.07
N GLY B 210 4.51 -1.50 -0.13
CA GLY B 210 4.55 -2.97 -0.27
C GLY B 210 3.61 -3.57 -1.30
N ALA B 211 2.51 -2.88 -1.64
CA ALA B 211 1.54 -3.41 -2.60
C ALA B 211 2.19 -3.92 -3.88
N LYS B 212 3.28 -3.26 -4.29
CA LYS B 212 3.96 -3.63 -5.52
C LYS B 212 5.32 -4.28 -5.29
N VAL B 213 5.71 -4.50 -4.04
CA VAL B 213 7.07 -4.96 -3.76
C VAL B 213 7.13 -6.48 -3.58
N LEU B 214 7.78 -7.14 -4.53
CA LEU B 214 7.92 -8.59 -4.51
C LEU B 214 9.07 -9.02 -3.61
N ALA B 215 8.87 -10.12 -2.89
CA ALA B 215 9.97 -10.78 -2.20
C ALA B 215 10.78 -11.56 -3.21
N SER B 216 12.02 -11.89 -2.85
CA SER B 216 12.90 -12.59 -3.76
C SER B 216 14.03 -13.34 -3.08
N PHE B 217 14.61 -14.26 -3.82
CA PHE B 217 15.83 -14.94 -3.42
C PHE B 217 16.58 -15.38 -4.66
N SER B 218 17.84 -15.77 -4.46
CA SER B 218 18.68 -16.30 -5.52
C SER B 218 18.82 -17.80 -5.37
N THR B 219 18.83 -18.49 -6.51
CA THR B 219 19.15 -19.91 -6.56
C THR B 219 20.58 -20.14 -7.06
N GLY B 220 21.37 -19.08 -7.14
CA GLY B 220 22.76 -19.16 -7.57
C GLY B 220 23.76 -19.11 -6.45
N GLY B 221 23.32 -19.42 -5.23
CA GLY B 221 24.22 -19.56 -4.08
C GLY B 221 24.61 -18.24 -3.42
N VAL B 222 23.86 -17.18 -3.66
N VAL B 222 23.79 -17.21 -3.64
CA VAL B 222 24.15 -15.93 -2.98
CA VAL B 222 24.03 -15.85 -3.15
C VAL B 222 22.90 -15.46 -2.23
C VAL B 222 22.87 -15.46 -2.24
N GLY B 223 23.13 -14.71 -1.17
CA GLY B 223 22.06 -14.13 -0.36
C GLY B 223 21.40 -15.10 0.61
N PRO B 224 20.30 -14.65 1.24
CA PRO B 224 19.56 -15.48 2.20
C PRO B 224 19.18 -16.84 1.60
N ALA B 225 19.23 -17.90 2.41
CA ALA B 225 18.86 -19.23 1.92
C ALA B 225 17.40 -19.27 1.44
N PRO B 226 17.16 -19.84 0.25
CA PRO B 226 15.80 -19.95 -0.24
C PRO B 226 14.79 -20.50 0.75
N SER B 227 15.15 -21.55 1.50
CA SER B 227 14.21 -22.12 2.46
C SER B 227 13.87 -21.13 3.57
N THR B 228 14.87 -20.36 3.98
CA THR B 228 14.68 -19.30 4.99
C THR B 228 13.78 -18.19 4.44
N VAL B 229 14.03 -17.78 3.20
CA VAL B 229 13.18 -16.78 2.56
C VAL B 229 11.72 -17.24 2.41
N LEU B 230 11.53 -18.49 1.99
CA LEU B 230 10.20 -19.04 1.87
C LEU B 230 9.43 -19.06 3.20
N SER B 231 10.13 -19.32 4.30
CA SER B 231 9.54 -19.19 5.65
C SER B 231 9.08 -17.77 5.93
N ALA B 232 9.95 -16.80 5.63
CA ALA B 232 9.61 -15.39 5.79
C ALA B 232 8.42 -15.00 4.93
N CYS B 233 8.38 -15.54 3.71
CA CYS B 233 7.28 -15.28 2.79
C CYS B 233 5.94 -15.78 3.32
N GLN B 234 5.96 -16.90 4.03
CA GLN B 234 4.75 -17.43 4.64
C GLN B 234 4.18 -16.44 5.66
N GLN B 235 5.06 -15.76 6.39
CA GLN B 235 4.63 -14.76 7.36
C GLN B 235 3.96 -13.56 6.68
N LEU B 236 4.58 -13.05 5.62
CA LEU B 236 4.02 -11.94 4.86
C LEU B 236 2.68 -12.31 4.23
N LYS B 237 2.58 -13.54 3.73
CA LYS B 237 1.33 -14.03 3.15
C LYS B 237 0.20 -14.07 4.18
N SER B 238 0.51 -14.60 5.36
CA SER B 238 -0.47 -14.72 6.43
C SER B 238 -1.06 -13.35 6.81
N SER B 239 -0.25 -12.30 6.74
CA SER B 239 -0.73 -10.95 7.05
C SER B 239 -1.41 -10.24 5.85
N GLY B 240 -1.45 -10.90 4.71
CA GLY B 240 -2.11 -10.35 3.55
C GLY B 240 -1.30 -9.24 2.91
N THR B 241 0.02 -9.29 3.10
CA THR B 241 0.92 -8.27 2.53
C THR B 241 2.08 -8.87 1.73
N LEU B 242 1.79 -9.87 0.90
CA LEU B 242 2.79 -10.45 -0.01
C LEU B 242 2.20 -10.44 -1.42
N PRO B 243 2.64 -9.51 -2.28
CA PRO B 243 2.07 -9.46 -3.63
C PRO B 243 2.61 -10.55 -4.56
N GLY B 244 3.76 -11.10 -4.24
CA GLY B 244 4.38 -12.10 -5.07
C GLY B 244 5.84 -12.31 -4.73
N ILE B 245 6.47 -13.18 -5.51
CA ILE B 245 7.84 -13.59 -5.32
C ILE B 245 8.51 -13.66 -6.69
N PHE B 246 9.79 -13.25 -6.78
CA PHE B 246 10.60 -13.58 -7.96
C PHE B 246 11.91 -14.27 -7.57
N ILE B 247 12.47 -14.99 -8.54
CA ILE B 247 13.72 -15.72 -8.38
C ILE B 247 14.73 -15.32 -9.43
N PHE B 248 15.96 -15.08 -8.98
CA PHE B 248 17.11 -14.96 -9.85
C PHE B 248 17.93 -16.22 -9.62
N SER B 249 17.88 -17.21 -10.49
CA SER B 249 17.33 -17.17 -11.84
C SER B 249 17.18 -18.61 -12.29
N ALA B 250 16.48 -18.82 -13.40
CA ALA B 250 16.34 -20.17 -13.96
C ALA B 250 17.70 -20.76 -14.30
N ASP B 251 18.61 -19.93 -14.79
CA ASP B 251 19.95 -20.41 -15.17
C ASP B 251 20.67 -20.93 -13.93
N GLY B 252 20.53 -20.17 -12.85
CA GLY B 252 21.13 -20.54 -11.57
C GLY B 252 20.56 -21.85 -11.07
N SER B 253 19.24 -21.99 -11.16
CA SER B 253 18.58 -23.20 -10.68
C SER B 253 19.00 -24.41 -11.53
N TYR B 254 19.06 -24.22 -12.83
CA TYR B 254 19.44 -25.27 -13.78
C TYR B 254 20.84 -25.83 -13.47
N ALA B 255 21.74 -24.95 -13.06
CA ALA B 255 23.12 -25.32 -12.71
C ALA B 255 23.28 -25.77 -11.26
N SER B 256 22.25 -25.62 -10.45
CA SER B 256 22.33 -25.95 -9.02
C SER B 256 22.00 -27.39 -8.73
N SER B 257 22.49 -27.88 -7.60
CA SER B 257 22.11 -29.21 -7.14
C SER B 257 20.64 -29.27 -6.73
N ALA B 258 20.08 -28.17 -6.24
CA ALA B 258 18.67 -28.11 -5.84
C ALA B 258 17.71 -28.10 -7.04
N LYS B 259 18.23 -27.80 -8.23
CA LYS B 259 17.42 -27.71 -9.44
C LYS B 259 16.25 -26.74 -9.20
N PHE B 260 15.02 -27.09 -9.58
CA PHE B 260 13.92 -26.11 -9.58
C PHE B 260 12.92 -26.30 -8.43
N GLN B 261 13.33 -26.95 -7.35
CA GLN B 261 12.38 -27.21 -6.27
C GLN B 261 11.87 -25.92 -5.61
N TYR B 262 12.71 -24.89 -5.53
CA TYR B 262 12.28 -23.64 -4.89
C TYR B 262 11.32 -22.80 -5.74
N GLU B 263 11.43 -22.89 -7.07
CA GLU B 263 10.46 -22.29 -7.96
C GLU B 263 9.07 -22.88 -7.67
N GLN B 264 9.01 -24.20 -7.56
CA GLN B 264 7.75 -24.88 -7.28
C GLN B 264 7.21 -24.47 -5.91
N GLN B 265 8.07 -24.47 -4.91
CA GLN B 265 7.68 -24.11 -3.56
C GLN B 265 7.17 -22.68 -3.47
N ALA B 266 7.81 -21.77 -4.20
CA ALA B 266 7.35 -20.38 -4.19
C ALA B 266 5.95 -20.25 -4.76
N GLN B 267 5.69 -20.95 -5.86
CA GLN B 267 4.39 -20.86 -6.51
C GLN B 267 3.31 -21.52 -5.66
N THR B 268 3.66 -22.63 -5.04
CA THR B 268 2.71 -23.34 -4.18
C THR B 268 2.36 -22.45 -2.98
N LEU B 269 3.37 -21.78 -2.42
CA LEU B 269 3.12 -20.86 -1.31
C LEU B 269 2.11 -19.78 -1.72
N LEU B 270 2.29 -19.22 -2.91
CA LEU B 270 1.40 -18.14 -3.38
C LEU B 270 -0.05 -18.58 -3.63
N THR B 271 -0.24 -19.85 -3.99
CA THR B 271 -1.58 -20.34 -4.36
C THR B 271 -2.27 -21.11 -3.23
N SER B 272 -1.58 -21.36 -2.13
CA SER B 272 -2.13 -22.19 -1.05
C SER B 272 -3.01 -21.40 -0.08
C1 EDO C . -13.86 5.62 4.33
O1 EDO C . -12.51 5.23 4.06
C2 EDO C . -14.76 5.45 3.10
O2 EDO C . -14.43 6.39 2.08
C1 EDO D . -6.50 10.19 28.39
O1 EDO D . -6.34 9.84 27.02
C2 EDO D . -7.82 9.65 28.91
O2 EDO D . -7.79 8.22 28.98
C ACT E . -18.35 7.65 9.37
O ACT E . -18.76 6.47 9.24
OXT ACT E . -18.84 8.51 8.59
CH3 ACT E . -17.31 8.01 10.41
MG MG F . -21.95 6.51 6.97
C1 EDO G . 21.47 -14.86 -14.83
O1 EDO G . 21.47 -16.19 -14.33
C2 EDO G . 20.07 -14.41 -15.27
O2 EDO G . 19.52 -15.23 -16.34
C1 EDO H . -0.30 1.10 -15.34
O1 EDO H . 0.33 1.71 -16.46
C2 EDO H . -1.07 -0.16 -15.70
O2 EDO H . -0.16 -1.18 -16.08
C ACT I . 19.16 -8.84 -11.06
O ACT I . 19.53 -9.54 -10.09
OXT ACT I . 20.08 -8.38 -11.79
CH3 ACT I . 17.71 -8.56 -11.31
MG MG J . 23.51 -8.74 -9.85
#